data_4XNG
#
_entry.id   4XNG
#
_cell.length_a   98.270
_cell.length_b   108.420
_cell.length_c   62.190
_cell.angle_alpha   90.000
_cell.angle_beta   90.000
_cell.angle_gamma   90.000
#
_symmetry.space_group_name_H-M   'P 21 21 2'
#
_entity_poly.entity_id   1
_entity_poly.type   'polypeptide(L)'
_entity_poly.pdbx_seq_one_letter_code
;ASSFHNFSKETLQKQAKRGFLLLERCSLVGLQQLELEYVNLLGRSFDSYQQKTELLNNLKELVDEHFSDTEKIINTLEKI
FDVIGGSEYTPVLNSFFNKLLSDPDP(MSE)QREIGLRQFIITLRQRFKKLSQKIDSSLKQIETEAKA
;
_entity_poly.pdbx_strand_id   A,B,C,D
#
# COMPACT_ATOMS: atom_id res chain seq x y z
N PHE A 4 -19.00 -2.42 -22.99
CA PHE A 4 -18.08 -3.61 -22.98
C PHE A 4 -18.64 -4.82 -23.71
N HIS A 5 -19.94 -4.80 -24.01
CA HIS A 5 -20.54 -5.55 -25.11
C HIS A 5 -19.57 -5.96 -26.27
N ASN A 6 -18.29 -5.59 -26.12
CA ASN A 6 -17.26 -5.73 -27.12
C ASN A 6 -16.16 -6.77 -26.84
N PHE A 7 -15.92 -7.06 -25.55
CA PHE A 7 -14.78 -7.87 -25.11
C PHE A 7 -15.12 -9.33 -24.75
N SER A 8 -14.08 -10.17 -24.63
CA SER A 8 -14.28 -11.56 -24.21
C SER A 8 -14.74 -11.62 -22.76
N LYS A 9 -15.76 -12.43 -22.49
CA LYS A 9 -16.34 -12.50 -21.16
C LYS A 9 -15.34 -12.83 -20.07
N GLU A 10 -14.34 -13.64 -20.38
CA GLU A 10 -13.30 -13.93 -19.39
C GLU A 10 -12.24 -12.82 -19.34
N THR A 11 -12.01 -12.10 -20.44
CA THR A 11 -11.14 -10.94 -20.35
C THR A 11 -11.71 -9.93 -19.36
N LEU A 12 -13.03 -9.75 -19.42
CA LEU A 12 -13.73 -8.86 -18.47
C LEU A 12 -13.57 -9.33 -17.02
N GLN A 13 -13.69 -10.63 -16.80
CA GLN A 13 -13.38 -11.20 -15.50
C GLN A 13 -12.01 -10.75 -15.05
N LYS A 14 -11.00 -10.96 -15.87
CA LYS A 14 -9.64 -10.59 -15.51
C LYS A 14 -9.54 -9.10 -15.21
N GLN A 15 -10.16 -8.28 -16.05
CA GLN A 15 -10.19 -6.85 -15.80
C GLN A 15 -10.88 -6.51 -14.49
N ALA A 16 -12.09 -7.02 -14.30
CA ALA A 16 -12.84 -6.80 -13.05
C ALA A 16 -11.97 -7.06 -11.85
N LYS A 17 -11.30 -8.20 -11.86
CA LYS A 17 -10.38 -8.53 -10.79
C LYS A 17 -9.35 -7.46 -10.61
N ARG A 18 -8.69 -7.08 -11.70
CA ARG A 18 -7.67 -6.07 -11.60
C ARG A 18 -8.26 -4.79 -11.05
N GLY A 19 -9.39 -4.41 -11.60
CA GLY A 19 -10.10 -3.27 -11.09
C GLY A 19 -10.27 -3.30 -9.58
N PHE A 20 -10.73 -4.43 -9.06
CA PHE A 20 -10.97 -4.51 -7.66
C PHE A 20 -9.70 -4.43 -6.82
N LEU A 21 -8.63 -5.03 -7.30
CA LEU A 21 -7.39 -4.95 -6.57
C LEU A 21 -6.93 -3.56 -6.43
N LEU A 22 -7.30 -2.69 -7.38
CA LEU A 22 -7.04 -1.27 -7.22
C LEU A 22 -7.75 -0.76 -6.02
N LEU A 23 -9.04 -0.95 -5.98
CA LEU A 23 -9.82 -0.48 -4.85
C LEU A 23 -9.25 -0.94 -3.55
N GLU A 24 -8.91 -2.22 -3.43
CA GLU A 24 -8.45 -2.74 -2.16
C GLU A 24 -7.05 -2.26 -1.87
N ARG A 25 -6.15 -2.53 -2.79
CA ARG A 25 -4.74 -2.33 -2.50
C ARG A 25 -4.27 -0.91 -2.71
N CYS A 26 -5.03 -0.09 -3.40
CA CYS A 26 -4.57 1.25 -3.68
C CYS A 26 -5.59 2.26 -3.19
N SER A 27 -6.82 2.16 -3.67
CA SER A 27 -7.83 3.15 -3.31
C SER A 27 -8.09 3.24 -1.81
N LEU A 28 -8.29 2.08 -1.19
CA LEU A 28 -8.63 2.00 0.22
C LEU A 28 -7.46 2.35 1.08
N VAL A 29 -6.29 1.91 0.66
CA VAL A 29 -5.07 2.20 1.43
C VAL A 29 -4.76 3.69 1.47
N GLY A 30 -5.00 4.39 0.37
CA GLY A 30 -4.87 5.83 0.35
C GLY A 30 -5.88 6.45 1.28
N LEU A 31 -7.11 5.99 1.20
CA LEU A 31 -8.16 6.52 2.04
C LEU A 31 -7.85 6.37 3.50
N GLN A 32 -7.30 5.24 3.90
CA GLN A 32 -7.00 5.05 5.29
C GLN A 32 -5.99 6.05 5.77
N GLN A 33 -5.06 6.38 4.89
CA GLN A 33 -4.01 7.27 5.28
C GLN A 33 -4.61 8.67 5.40
N LEU A 34 -5.42 9.05 4.43
CA LEU A 34 -6.04 10.38 4.42
C LEU A 34 -6.88 10.69 5.66
N GLU A 35 -7.72 9.74 6.05
CA GLU A 35 -8.47 9.85 7.28
C GLU A 35 -7.56 10.18 8.47
N LEU A 36 -6.47 9.46 8.54
CA LEU A 36 -5.53 9.70 9.59
C LEU A 36 -4.84 11.03 9.43
N GLU A 37 -4.61 11.45 8.21
CA GLU A 37 -3.90 12.69 8.01
C GLU A 37 -4.75 13.85 8.47
N TYR A 38 -6.04 13.76 8.22
CA TYR A 38 -6.98 14.75 8.73
C TYR A 38 -6.89 14.88 10.25
N VAL A 39 -7.10 13.78 10.94
CA VAL A 39 -7.00 13.80 12.37
C VAL A 39 -5.70 14.44 12.82
N ASN A 40 -4.63 14.11 12.12
CA ASN A 40 -3.32 14.62 12.45
C ASN A 40 -3.29 16.14 12.42
N LEU A 41 -3.87 16.73 11.38
CA LEU A 41 -3.94 18.17 11.26
C LEU A 41 -4.65 18.78 12.43
N LEU A 42 -5.81 18.23 12.77
CA LEU A 42 -6.55 18.76 13.92
C LEU A 42 -5.68 18.77 15.18
N GLY A 43 -4.99 17.67 15.44
CA GLY A 43 -4.09 17.57 16.57
C GLY A 43 -3.01 18.65 16.67
N ARG A 44 -2.58 19.23 15.57
CA ARG A 44 -1.52 20.23 15.61
C ARG A 44 -1.97 21.62 16.05
N SER A 45 -1.45 22.03 17.21
CA SER A 45 -1.27 23.42 17.53
C SER A 45 0.05 23.62 16.85
N PHE A 46 0.70 24.77 16.93
CA PHE A 46 0.16 26.07 17.13
C PHE A 46 -0.15 26.44 15.70
N ASP A 47 0.89 26.51 14.90
CA ASP A 47 0.75 26.89 13.48
C ASP A 47 0.33 28.36 13.44
N SER A 48 -0.79 28.63 12.81
CA SER A 48 -1.54 29.87 12.97
C SER A 48 -2.97 29.58 12.56
N TYR A 49 -3.46 30.19 11.47
CA TYR A 49 -4.82 29.94 11.00
C TYR A 49 -4.74 29.92 9.50
N GLN A 50 -4.32 31.04 8.94
CA GLN A 50 -3.89 31.11 7.55
C GLN A 50 -3.09 29.87 7.17
N GLN A 51 -2.22 29.41 8.06
CA GLN A 51 -1.44 28.20 7.83
C GLN A 51 -2.23 26.90 8.04
N LYS A 52 -3.08 26.86 9.05
CA LYS A 52 -3.92 25.71 9.31
C LYS A 52 -4.92 25.47 8.18
N THR A 53 -5.68 26.49 7.85
CA THR A 53 -6.67 26.38 6.78
C THR A 53 -6.02 25.89 5.50
N GLU A 54 -4.92 26.55 5.12
CA GLU A 54 -4.19 26.18 3.92
C GLU A 54 -3.95 24.67 3.84
N LEU A 55 -3.53 24.08 4.95
CA LEU A 55 -3.23 22.67 4.97
C LEU A 55 -4.46 21.79 4.80
N LEU A 56 -5.60 22.27 5.27
CA LEU A 56 -6.86 21.54 5.03
C LEU A 56 -7.29 21.63 3.60
N ASN A 57 -7.43 22.83 3.08
CA ASN A 57 -7.67 22.98 1.66
C ASN A 57 -6.80 22.04 0.86
N ASN A 58 -5.53 22.03 1.23
CA ASN A 58 -4.60 21.18 0.56
C ASN A 58 -5.06 19.76 0.67
N LEU A 59 -5.30 19.30 1.90
CA LEU A 59 -5.86 17.97 2.11
C LEU A 59 -7.14 17.74 1.34
N LYS A 60 -8.12 18.61 1.52
CA LYS A 60 -9.38 18.57 0.81
C LYS A 60 -9.19 18.31 -0.67
N GLU A 61 -8.33 19.10 -1.30
CA GLU A 61 -8.06 18.94 -2.73
C GLU A 61 -7.62 17.51 -3.05
N LEU A 62 -6.67 17.00 -2.30
CA LEU A 62 -6.22 15.66 -2.53
C LEU A 62 -7.36 14.69 -2.35
N VAL A 63 -8.13 14.81 -1.29
CA VAL A 63 -9.21 13.88 -1.05
C VAL A 63 -10.20 13.92 -2.20
N ASP A 64 -10.54 15.10 -2.65
CA ASP A 64 -11.49 15.18 -3.77
C ASP A 64 -10.88 14.54 -5.01
N GLU A 65 -9.62 14.78 -5.24
CA GLU A 65 -8.94 14.20 -6.37
C GLU A 65 -8.99 12.68 -6.29
N HIS A 66 -8.64 12.15 -5.12
CA HIS A 66 -8.55 10.71 -4.94
C HIS A 66 -9.90 10.03 -4.91
N PHE A 67 -10.88 10.69 -4.31
CA PHE A 67 -12.26 10.27 -4.40
C PHE A 67 -12.67 10.16 -5.86
N SER A 68 -12.29 11.16 -6.66
CA SER A 68 -12.66 11.19 -8.07
C SER A 68 -12.07 9.98 -8.79
N ASP A 69 -10.80 9.70 -8.50
CA ASP A 69 -10.12 8.59 -9.14
C ASP A 69 -10.78 7.32 -8.74
N THR A 70 -11.15 7.24 -7.48
CA THR A 70 -11.86 6.09 -6.98
C THR A 70 -13.20 5.90 -7.69
N GLU A 71 -13.98 6.97 -7.75
CA GLU A 71 -15.23 6.89 -8.48
C GLU A 71 -15.07 6.39 -9.92
N LYS A 72 -14.03 6.86 -10.61
CA LYS A 72 -13.79 6.44 -11.99
C LYS A 72 -13.61 4.95 -12.05
N ILE A 73 -12.82 4.41 -11.16
CA ILE A 73 -12.64 2.98 -11.11
C ILE A 73 -13.98 2.27 -10.91
N ILE A 74 -14.63 2.60 -9.82
CA ILE A 74 -15.96 2.05 -9.57
C ILE A 74 -16.80 2.08 -10.83
N ASN A 75 -16.85 3.24 -11.44
CA ASN A 75 -17.69 3.39 -12.60
C ASN A 75 -17.39 2.33 -13.64
N THR A 76 -16.11 2.13 -13.92
CA THR A 76 -15.71 1.16 -14.89
C THR A 76 -16.12 -0.20 -14.41
N LEU A 77 -15.94 -0.43 -13.12
CA LEU A 77 -16.33 -1.71 -12.56
C LEU A 77 -17.81 -1.97 -12.69
N GLU A 78 -18.63 -0.95 -12.51
CA GLU A 78 -20.06 -1.17 -12.64
C GLU A 78 -20.35 -1.55 -14.09
N LYS A 79 -19.88 -0.72 -15.02
CA LYS A 79 -20.02 -1.01 -16.44
C LYS A 79 -19.65 -2.44 -16.79
N ILE A 80 -18.56 -2.95 -16.23
CA ILE A 80 -18.20 -4.35 -16.45
C ILE A 80 -19.30 -5.28 -15.97
N PHE A 81 -19.84 -5.02 -14.78
CA PHE A 81 -20.91 -5.87 -14.26
C PHE A 81 -22.18 -5.81 -15.09
N ASP A 82 -22.44 -4.70 -15.77
CA ASP A 82 -23.55 -4.63 -16.75
C ASP A 82 -23.57 -5.85 -17.64
N VAL A 83 -22.39 -6.42 -17.87
CA VAL A 83 -22.29 -7.63 -18.66
C VAL A 83 -22.22 -8.84 -17.78
N ILE A 84 -21.20 -8.96 -16.96
CA ILE A 84 -20.99 -10.21 -16.22
C ILE A 84 -21.67 -10.25 -14.85
N GLY A 85 -22.49 -9.26 -14.54
CA GLY A 85 -23.32 -9.28 -13.33
C GLY A 85 -24.40 -10.33 -13.49
N GLY A 86 -24.68 -11.05 -12.42
CA GLY A 86 -25.59 -12.18 -12.49
C GLY A 86 -25.06 -13.33 -13.34
N SER A 87 -23.75 -13.41 -13.51
CA SER A 87 -23.13 -14.47 -14.31
C SER A 87 -22.10 -15.26 -13.50
N GLU A 88 -21.60 -16.34 -14.09
CA GLU A 88 -20.56 -17.16 -13.48
C GLU A 88 -19.20 -16.48 -13.56
N TYR A 89 -19.04 -15.53 -14.46
CA TYR A 89 -17.74 -14.92 -14.73
C TYR A 89 -17.34 -13.84 -13.73
N THR A 90 -18.20 -13.60 -12.75
CA THR A 90 -17.84 -12.74 -11.66
C THR A 90 -16.53 -13.18 -11.00
N PRO A 91 -15.56 -12.27 -10.90
CA PRO A 91 -14.23 -12.72 -10.53
C PRO A 91 -14.13 -13.21 -9.09
N VAL A 92 -13.10 -13.99 -8.80
CA VAL A 92 -12.85 -14.47 -7.46
C VAL A 92 -11.63 -13.80 -6.88
N LEU A 93 -11.75 -13.29 -5.65
CA LEU A 93 -10.72 -12.48 -5.03
C LEU A 93 -10.55 -12.85 -3.57
N ASN A 94 -9.39 -13.41 -3.22
CA ASN A 94 -9.03 -13.60 -1.84
C ASN A 94 -8.64 -12.27 -1.31
N SER A 95 -9.64 -11.59 -0.80
CA SER A 95 -9.48 -10.38 -0.06
C SER A 95 -9.40 -10.87 1.36
N PHE A 96 -8.75 -10.12 2.21
CA PHE A 96 -8.63 -10.49 3.59
C PHE A 96 -9.79 -9.86 4.33
N PHE A 97 -10.53 -8.96 3.68
CA PHE A 97 -11.40 -8.04 4.41
C PHE A 97 -12.89 -8.26 4.14
N ASN A 98 -13.25 -8.43 2.89
CA ASN A 98 -14.60 -8.88 2.68
C ASN A 98 -14.46 -10.34 2.36
N LYS A 99 -15.15 -11.16 3.14
CA LYS A 99 -15.05 -12.60 2.99
C LYS A 99 -15.78 -13.14 1.74
N LEU A 100 -16.76 -12.39 1.25
CA LEU A 100 -17.62 -12.88 0.18
C LEU A 100 -16.96 -12.94 -1.19
N LEU A 101 -15.88 -12.21 -1.36
CA LEU A 101 -15.29 -12.13 -2.69
C LEU A 101 -14.60 -13.41 -3.05
N SER A 102 -14.32 -14.24 -2.05
CA SER A 102 -13.79 -15.56 -2.30
C SER A 102 -14.88 -16.65 -2.32
N ASP A 103 -16.14 -16.27 -2.15
CA ASP A 103 -17.20 -17.25 -2.00
C ASP A 103 -17.32 -18.05 -3.30
N PRO A 104 -17.55 -19.37 -3.18
CA PRO A 104 -17.79 -20.18 -4.39
C PRO A 104 -19.01 -19.71 -5.22
N ASP A 105 -20.08 -19.27 -4.57
CA ASP A 105 -21.26 -18.78 -5.25
C ASP A 105 -21.00 -17.43 -5.85
N PRO A 106 -21.19 -17.29 -7.17
CA PRO A 106 -20.93 -16.00 -7.83
C PRO A 106 -21.89 -14.89 -7.44
N GLN A 108 -22.92 -14.32 -4.40
CA GLN A 108 -22.32 -13.77 -3.20
C GLN A 108 -21.16 -12.90 -3.55
N ARG A 109 -20.33 -13.33 -4.48
CA ARG A 109 -19.19 -12.53 -4.85
C ARG A 109 -19.62 -11.19 -5.41
N GLU A 110 -20.76 -11.15 -6.08
CA GLU A 110 -21.30 -9.89 -6.61
C GLU A 110 -21.73 -9.01 -5.47
N ILE A 111 -22.50 -9.58 -4.55
CA ILE A 111 -22.93 -8.85 -3.38
C ILE A 111 -21.74 -8.30 -2.67
N GLY A 112 -20.80 -9.15 -2.33
CA GLY A 112 -19.57 -8.71 -1.69
C GLY A 112 -19.01 -7.47 -2.33
N LEU A 113 -18.80 -7.52 -3.63
CA LEU A 113 -18.21 -6.38 -4.33
C LEU A 113 -19.05 -5.11 -4.17
N ARG A 114 -20.36 -5.22 -4.41
CA ARG A 114 -21.23 -4.07 -4.25
C ARG A 114 -21.07 -3.48 -2.84
N GLN A 115 -21.05 -4.34 -1.82
CA GLN A 115 -20.87 -3.89 -0.45
C GLN A 115 -19.60 -3.07 -0.27
N PHE A 116 -18.50 -3.63 -0.74
CA PHE A 116 -17.24 -2.98 -0.66
C PHE A 116 -17.31 -1.58 -1.25
N ILE A 117 -17.86 -1.46 -2.45
CA ILE A 117 -18.00 -0.17 -3.06
C ILE A 117 -18.76 0.76 -2.13
N ILE A 118 -19.98 0.39 -1.77
CA ILE A 118 -20.78 1.23 -0.88
C ILE A 118 -19.92 1.72 0.27
N THR A 119 -19.43 0.77 1.06
CA THR A 119 -18.56 1.08 2.20
C THR A 119 -17.53 2.12 1.89
N LEU A 120 -16.88 1.94 0.75
CA LEU A 120 -15.82 2.83 0.38
C LEU A 120 -16.37 4.23 0.17
N ARG A 121 -17.42 4.36 -0.61
CA ARG A 121 -18.06 5.64 -0.83
C ARG A 121 -18.44 6.29 0.50
N GLN A 122 -19.10 5.55 1.39
CA GLN A 122 -19.50 6.07 2.68
C GLN A 122 -18.30 6.75 3.26
N ARG A 123 -17.20 6.02 3.36
CA ARG A 123 -16.05 6.54 4.04
C ARG A 123 -15.49 7.79 3.40
N PHE A 124 -15.45 7.82 2.09
CA PHE A 124 -14.96 9.00 1.42
C PHE A 124 -15.86 10.20 1.64
N LYS A 125 -17.14 10.00 1.44
CA LYS A 125 -18.07 11.09 1.62
C LYS A 125 -17.92 11.63 3.02
N LYS A 126 -17.86 10.72 3.99
CA LYS A 126 -17.85 11.12 5.38
C LYS A 126 -16.65 11.99 5.72
N LEU A 127 -15.54 11.74 5.03
CA LEU A 127 -14.34 12.50 5.26
C LEU A 127 -14.46 13.89 4.70
N SER A 128 -14.89 14.03 3.46
CA SER A 128 -14.98 15.35 2.87
C SER A 128 -15.89 16.22 3.71
N GLN A 129 -16.90 15.60 4.27
CA GLN A 129 -17.86 16.29 5.06
C GLN A 129 -17.22 16.82 6.35
N LYS A 130 -16.38 16.02 7.01
CA LYS A 130 -15.70 16.49 8.21
C LYS A 130 -14.78 17.63 7.90
N ILE A 131 -14.03 17.48 6.82
CA ILE A 131 -13.08 18.50 6.44
C ILE A 131 -13.77 19.82 6.21
N ASP A 132 -14.93 19.77 5.58
CA ASP A 132 -15.68 20.99 5.38
C ASP A 132 -16.12 21.56 6.72
N SER A 133 -16.62 20.72 7.62
CA SER A 133 -17.04 21.20 8.94
C SER A 133 -15.88 21.94 9.55
N SER A 134 -14.74 21.30 9.58
CA SER A 134 -13.59 21.90 10.21
C SER A 134 -13.28 23.23 9.58
N LEU A 135 -13.19 23.27 8.26
CA LEU A 135 -12.96 24.55 7.59
C LEU A 135 -13.97 25.66 7.94
N LYS A 136 -15.23 25.32 8.18
CA LYS A 136 -16.20 26.30 8.64
C LYS A 136 -15.91 26.73 10.08
N GLN A 137 -15.76 25.74 10.95
CA GLN A 137 -15.38 25.99 12.34
C GLN A 137 -14.23 26.98 12.43
N ILE A 138 -13.21 26.76 11.62
CA ILE A 138 -12.01 27.60 11.63
C ILE A 138 -12.32 28.98 11.06
N GLU A 139 -13.07 29.00 9.97
CA GLU A 139 -13.45 30.26 9.34
C GLU A 139 -14.09 31.20 10.35
N THR A 140 -15.09 30.70 11.08
CA THR A 140 -15.82 31.51 12.05
C THR A 140 -14.96 31.91 13.25
N GLU A 141 -14.03 31.05 13.63
CA GLU A 141 -13.11 31.29 14.73
C GLU A 141 -12.06 32.37 14.45
N ALA A 142 -11.88 32.77 13.19
CA ALA A 142 -10.87 33.76 12.80
C ALA A 142 -11.45 35.00 12.07
N LYS A 143 -11.57 34.91 10.74
CA LYS A 143 -11.95 36.05 9.90
C LYS A 143 -13.26 36.72 10.37
N ASN B 6 2.84 -41.95 -0.43
CA ASN B 6 2.21 -42.20 -1.76
C ASN B 6 2.92 -41.52 -2.95
N PHE B 7 3.55 -40.37 -2.69
CA PHE B 7 4.13 -39.49 -3.72
C PHE B 7 5.66 -39.61 -3.84
N SER B 8 6.19 -39.07 -4.95
CA SER B 8 7.65 -39.03 -5.14
C SER B 8 8.29 -38.09 -4.10
N LYS B 9 9.38 -38.54 -3.48
CA LYS B 9 10.03 -37.77 -2.41
C LYS B 9 10.44 -36.36 -2.83
N GLU B 10 10.84 -36.18 -4.08
CA GLU B 10 11.16 -34.83 -4.55
C GLU B 10 9.91 -34.04 -4.96
N THR B 11 8.84 -34.70 -5.38
CA THR B 11 7.57 -33.99 -5.57
C THR B 11 7.16 -33.34 -4.25
N LEU B 12 7.29 -34.09 -3.16
CA LEU B 12 6.93 -33.58 -1.83
C LEU B 12 7.78 -32.37 -1.46
N GLN B 13 9.07 -32.44 -1.78
CA GLN B 13 9.95 -31.29 -1.62
C GLN B 13 9.38 -30.08 -2.32
N LYS B 14 9.06 -30.23 -3.60
CA LYS B 14 8.50 -29.13 -4.36
C LYS B 14 7.20 -28.62 -3.71
N GLN B 15 6.31 -29.54 -3.31
CA GLN B 15 5.09 -29.15 -2.62
C GLN B 15 5.39 -28.41 -1.31
N ALA B 16 6.20 -29.01 -0.44
CA ALA B 16 6.58 -28.38 0.82
C ALA B 16 7.00 -26.95 0.58
N LYS B 17 7.86 -26.75 -0.39
CA LYS B 17 8.29 -25.41 -0.75
C LYS B 17 7.12 -24.52 -1.08
N ARG B 18 6.24 -24.98 -1.97
CA ARG B 18 5.10 -24.17 -2.34
C ARG B 18 4.28 -23.88 -1.11
N GLY B 19 4.03 -24.91 -0.31
CA GLY B 19 3.31 -24.75 0.95
C GLY B 19 3.87 -23.64 1.80
N PHE B 20 5.17 -23.62 1.96
CA PHE B 20 5.79 -22.62 2.77
C PHE B 20 5.68 -21.21 2.18
N LEU B 21 5.82 -21.09 0.87
CA LEU B 21 5.68 -19.77 0.26
C LEU B 21 4.31 -19.21 0.49
N LEU B 22 3.31 -20.07 0.65
CA LEU B 22 2.02 -19.59 1.08
C LEU B 22 2.12 -18.93 2.45
N LEU B 23 2.63 -19.68 3.42
CA LEU B 23 2.75 -19.13 4.75
C LEU B 23 3.46 -17.79 4.74
N GLU B 24 4.57 -17.68 4.04
CA GLU B 24 5.34 -16.45 4.09
C GLU B 24 4.62 -15.36 3.30
N ARG B 25 4.35 -15.64 2.05
CA ARG B 25 3.93 -14.58 1.15
C ARG B 25 2.46 -14.29 1.23
N CYS B 26 1.68 -15.18 1.81
CA CYS B 26 0.25 -14.97 1.83
C CYS B 26 -0.29 -15.03 3.26
N SER B 27 -0.06 -16.12 3.96
CA SER B 27 -0.58 -16.27 5.33
C SER B 27 -0.10 -15.18 6.30
N LEU B 28 1.19 -14.94 6.31
CA LEU B 28 1.79 -13.96 7.19
C LEU B 28 1.41 -12.58 6.77
N VAL B 29 1.39 -12.33 5.48
CA VAL B 29 1.11 -11.01 4.99
C VAL B 29 -0.30 -10.64 5.37
N GLY B 30 -1.22 -11.60 5.32
CA GLY B 30 -2.60 -11.38 5.72
C GLY B 30 -2.65 -11.04 7.20
N LEU B 31 -1.93 -11.83 7.96
CA LEU B 31 -1.86 -11.60 9.38
C LEU B 31 -1.32 -10.22 9.71
N GLN B 32 -0.31 -9.76 9.02
CA GLN B 32 0.24 -8.45 9.32
C GLN B 32 -0.81 -7.40 9.06
N GLN B 33 -1.64 -7.62 8.05
CA GLN B 33 -2.64 -6.65 7.64
C GLN B 33 -3.69 -6.61 8.74
N LEU B 34 -4.10 -7.78 9.19
CA LEU B 34 -5.15 -7.89 10.20
C LEU B 34 -4.79 -7.25 11.52
N GLU B 35 -3.59 -7.51 11.98
CA GLU B 35 -3.06 -6.85 13.16
C GLU B 35 -3.23 -5.33 13.02
N LEU B 36 -2.87 -4.80 11.86
CA LEU B 36 -3.01 -3.39 11.62
C LEU B 36 -4.44 -2.93 11.51
N GLU B 37 -5.29 -3.79 10.98
CA GLU B 37 -6.68 -3.41 10.87
C GLU B 37 -7.31 -3.28 12.26
N TYR B 38 -6.95 -4.18 13.16
CA TYR B 38 -7.44 -4.13 14.54
C TYR B 38 -7.09 -2.79 15.16
N VAL B 39 -5.81 -2.46 15.16
CA VAL B 39 -5.40 -1.21 15.72
C VAL B 39 -6.18 -0.04 15.10
N ASN B 40 -6.42 -0.13 13.80
CA ASN B 40 -7.14 0.91 13.10
C ASN B 40 -8.52 1.09 13.65
N LEU B 41 -9.22 -0.01 13.90
CA LEU B 41 -10.56 0.07 14.51
C LEU B 41 -10.53 0.76 15.85
N LEU B 42 -9.61 0.38 16.71
CA LEU B 42 -9.53 1.00 18.01
C LEU B 42 -9.41 2.52 17.85
N GLY B 43 -8.50 2.96 16.98
CA GLY B 43 -8.32 4.36 16.72
C GLY B 43 -9.55 5.16 16.34
N ARG B 44 -10.54 4.52 15.74
CA ARG B 44 -11.73 5.23 15.28
C ARG B 44 -12.73 5.54 16.40
N SER B 45 -12.87 6.84 16.70
CA SER B 45 -13.94 7.31 17.61
C SER B 45 -15.34 7.06 17.04
N PHE B 46 -15.57 7.65 15.87
CA PHE B 46 -16.91 8.00 15.30
C PHE B 46 -18.19 7.21 15.75
N ASP B 47 -18.46 6.07 15.10
CA ASP B 47 -19.43 5.04 15.55
C ASP B 47 -20.60 5.31 16.55
N SER B 48 -20.77 4.39 17.50
CA SER B 48 -21.82 4.38 18.49
C SER B 48 -21.29 3.34 19.51
N TYR B 49 -21.76 2.10 19.38
CA TYR B 49 -21.15 0.94 20.06
C TYR B 49 -21.58 -0.31 19.32
N GLN B 50 -22.89 -0.47 19.20
CA GLN B 50 -23.49 -1.43 18.30
C GLN B 50 -22.71 -1.48 16.98
N GLN B 51 -22.29 -0.32 16.48
CA GLN B 51 -21.51 -0.24 15.25
C GLN B 51 -20.06 -0.66 15.43
N LYS B 52 -19.47 -0.24 16.55
CA LYS B 52 -18.09 -0.58 16.83
C LYS B 52 -17.96 -2.08 17.03
N THR B 53 -18.78 -2.62 17.92
CA THR B 53 -18.80 -4.06 18.24
C THR B 53 -18.93 -4.90 16.97
N GLU B 54 -19.92 -4.56 16.17
CA GLU B 54 -20.15 -5.22 14.90
C GLU B 54 -18.88 -5.35 14.07
N LEU B 55 -18.11 -4.27 13.95
CA LEU B 55 -16.91 -4.30 13.14
C LEU B 55 -15.83 -5.20 13.69
N LEU B 56 -15.78 -5.33 15.01
CA LEU B 56 -14.86 -6.27 15.62
C LEU B 56 -15.29 -7.68 15.37
N ASN B 57 -16.50 -8.03 15.78
CA ASN B 57 -17.01 -9.35 15.45
C ASN B 57 -16.64 -9.67 14.02
N ASN B 58 -16.88 -8.71 13.15
CA ASN B 58 -16.60 -8.92 11.78
C ASN B 58 -15.13 -9.27 11.64
N LEU B 59 -14.26 -8.42 12.18
CA LEU B 59 -12.84 -8.68 12.14
C LEU B 59 -12.53 -10.03 12.71
N LYS B 60 -12.98 -10.25 13.93
CA LYS B 60 -12.81 -11.52 14.60
C LYS B 60 -13.10 -12.68 13.66
N GLU B 61 -14.26 -12.66 13.01
CA GLU B 61 -14.65 -13.73 12.08
C GLU B 61 -13.61 -13.92 10.99
N LEU B 62 -13.14 -12.82 10.41
CA LEU B 62 -12.09 -12.88 9.41
C LEU B 62 -10.82 -13.52 9.95
N VAL B 63 -10.39 -13.08 11.11
CA VAL B 63 -9.18 -13.62 11.71
C VAL B 63 -9.35 -15.12 11.97
N ASP B 64 -10.48 -15.52 12.51
CA ASP B 64 -10.70 -16.92 12.77
C ASP B 64 -10.72 -17.68 11.43
N GLU B 65 -11.34 -17.11 10.42
CA GLU B 65 -11.35 -17.72 9.09
C GLU B 65 -9.94 -17.89 8.56
N HIS B 66 -9.12 -16.85 8.66
CA HIS B 66 -7.76 -16.89 8.14
C HIS B 66 -6.85 -17.79 8.91
N PHE B 67 -6.98 -17.72 10.22
CA PHE B 67 -6.27 -18.61 11.11
C PHE B 67 -6.54 -20.03 10.71
N SER B 68 -7.81 -20.32 10.42
CA SER B 68 -8.23 -21.66 10.01
C SER B 68 -7.55 -22.10 8.73
N ASP B 69 -7.51 -21.20 7.74
CA ASP B 69 -6.87 -21.49 6.47
C ASP B 69 -5.41 -21.70 6.67
N THR B 70 -4.82 -20.90 7.54
CA THR B 70 -3.43 -21.04 7.88
C THR B 70 -3.18 -22.39 8.53
N GLU B 71 -3.96 -22.74 9.53
CA GLU B 71 -3.81 -24.05 10.16
C GLU B 71 -3.87 -25.18 9.15
N LYS B 72 -4.79 -25.09 8.19
CA LYS B 72 -4.92 -26.13 7.18
C LYS B 72 -3.64 -26.31 6.42
N ILE B 73 -3.03 -25.22 6.01
CA ILE B 73 -1.73 -25.29 5.33
C ILE B 73 -0.68 -25.96 6.21
N ILE B 74 -0.43 -25.37 7.37
CA ILE B 74 0.45 -26.00 8.34
C ILE B 74 0.20 -27.50 8.43
N ASN B 75 -1.06 -27.86 8.65
CA ASN B 75 -1.37 -29.24 8.82
C ASN B 75 -0.83 -30.07 7.66
N THR B 76 -1.05 -29.60 6.44
CA THR B 76 -0.56 -30.31 5.28
C THR B 76 0.93 -30.34 5.30
N LEU B 77 1.53 -29.24 5.69
CA LEU B 77 2.97 -29.18 5.77
C LEU B 77 3.54 -30.13 6.80
N GLU B 78 2.88 -30.30 7.93
CA GLU B 78 3.36 -31.26 8.92
C GLU B 78 3.29 -32.67 8.34
N LYS B 79 2.12 -33.04 7.85
CA LYS B 79 1.95 -34.31 7.14
C LYS B 79 3.05 -34.61 6.11
N ILE B 80 3.45 -33.62 5.32
CA ILE B 80 4.56 -33.81 4.39
C ILE B 80 5.83 -34.16 5.16
N PHE B 81 6.10 -33.45 6.25
CA PHE B 81 7.31 -33.73 7.01
C PHE B 81 7.31 -35.11 7.67
N ASP B 82 6.14 -35.65 7.98
CA ASP B 82 6.01 -37.05 8.40
C ASP B 82 6.85 -37.98 7.53
N VAL B 83 7.00 -37.61 6.26
CA VAL B 83 7.83 -38.36 5.34
C VAL B 83 9.23 -37.76 5.25
N ILE B 84 9.35 -36.53 4.78
CA ILE B 84 10.68 -36.00 4.48
C ILE B 84 11.33 -35.25 5.64
N GLY B 85 10.73 -35.32 6.83
CA GLY B 85 11.35 -34.82 8.04
C GLY B 85 12.54 -35.69 8.43
N GLY B 86 13.62 -35.08 8.88
CA GLY B 86 14.86 -35.79 9.12
C GLY B 86 15.54 -36.32 7.87
N SER B 87 15.22 -35.74 6.70
CA SER B 87 15.77 -36.22 5.44
C SER B 87 16.51 -35.12 4.71
N GLU B 88 17.16 -35.49 3.61
CA GLU B 88 17.85 -34.53 2.73
C GLU B 88 16.86 -33.71 1.89
N TYR B 89 15.63 -34.22 1.72
CA TYR B 89 14.68 -33.61 0.80
C TYR B 89 13.93 -32.40 1.38
N THR B 90 14.25 -32.00 2.63
CA THR B 90 13.69 -30.77 3.22
C THR B 90 14.00 -29.58 2.31
N PRO B 91 12.97 -28.83 1.92
CA PRO B 91 13.14 -27.91 0.80
C PRO B 91 14.04 -26.75 1.20
N VAL B 92 14.58 -26.04 0.20
CA VAL B 92 15.42 -24.88 0.45
C VAL B 92 14.67 -23.64 0.02
N LEU B 93 14.65 -22.63 0.91
CA LEU B 93 13.85 -21.44 0.72
C LEU B 93 14.62 -20.23 1.15
N ASN B 94 14.92 -19.36 0.22
CA ASN B 94 15.27 -18.05 0.67
C ASN B 94 14.08 -17.50 1.45
N SER B 95 14.33 -16.83 2.56
CA SER B 95 13.25 -16.20 3.31
C SER B 95 13.63 -14.97 4.11
N PHE B 96 12.71 -14.02 4.18
CA PHE B 96 13.00 -12.77 4.83
C PHE B 96 12.55 -12.82 6.27
N PHE B 97 11.90 -13.90 6.67
CA PHE B 97 11.43 -14.00 8.02
C PHE B 97 12.28 -14.97 8.86
N ASN B 98 13.00 -15.92 8.23
CA ASN B 98 13.94 -16.84 8.93
C ASN B 98 15.18 -17.22 8.09
N LYS B 99 16.35 -17.11 8.70
CA LYS B 99 17.61 -17.34 7.96
C LYS B 99 17.90 -18.83 7.71
N LEU B 100 17.31 -19.69 8.54
CA LEU B 100 17.62 -21.11 8.51
C LEU B 100 17.05 -21.86 7.32
N LEU B 101 16.06 -21.30 6.64
CA LEU B 101 15.41 -22.04 5.58
C LEU B 101 16.32 -22.13 4.37
N SER B 102 17.31 -21.26 4.30
CA SER B 102 18.28 -21.31 3.24
C SER B 102 19.54 -22.06 3.67
N ASP B 103 19.59 -22.58 4.89
CA ASP B 103 20.80 -23.19 5.39
C ASP B 103 21.13 -24.43 4.56
N PRO B 104 22.43 -24.64 4.26
CA PRO B 104 22.83 -25.86 3.55
C PRO B 104 22.49 -27.18 4.27
N ASP B 105 22.59 -27.19 5.60
CA ASP B 105 22.20 -28.36 6.41
C ASP B 105 20.68 -28.49 6.43
N PRO B 106 20.16 -29.64 5.98
CA PRO B 106 18.71 -29.88 6.02
C PRO B 106 18.07 -29.96 7.40
N GLN B 108 18.80 -28.02 9.84
CA GLN B 108 18.54 -26.63 10.17
C GLN B 108 17.31 -26.13 9.44
N ARG B 109 17.18 -26.49 8.19
CA ARG B 109 16.05 -26.03 7.43
C ARG B 109 14.76 -26.56 8.01
N GLU B 110 14.80 -27.75 8.59
CA GLU B 110 13.63 -28.30 9.26
C GLU B 110 13.32 -27.49 10.49
N ILE B 111 14.34 -27.27 11.32
CA ILE B 111 14.17 -26.46 12.52
C ILE B 111 13.58 -25.11 12.15
N GLY B 112 14.24 -24.42 11.24
CA GLY B 112 13.71 -23.14 10.77
C GLY B 112 12.22 -23.17 10.49
N LEU B 113 11.78 -24.13 9.70
CA LEU B 113 10.38 -24.21 9.35
C LEU B 113 9.49 -24.39 10.57
N ARG B 114 9.86 -25.31 11.45
CA ARG B 114 9.08 -25.50 12.68
C ARG B 114 8.97 -24.19 13.47
N GLN B 115 10.08 -23.47 13.60
CA GLN B 115 10.07 -22.20 14.30
C GLN B 115 9.07 -21.23 13.70
N PHE B 116 9.15 -21.07 12.38
CA PHE B 116 8.25 -20.19 11.66
C PHE B 116 6.81 -20.49 11.97
N ILE B 117 6.45 -21.76 11.88
CA ILE B 117 5.10 -22.16 12.22
C ILE B 117 4.75 -21.68 13.62
N ILE B 118 5.53 -22.10 14.61
CA ILE B 118 5.26 -21.69 15.96
C ILE B 118 4.99 -20.20 16.04
N THR B 119 6.00 -19.41 15.68
CA THR B 119 5.92 -17.93 15.69
C THR B 119 4.59 -17.44 15.09
N LEU B 120 4.21 -18.05 13.99
CA LEU B 120 3.00 -17.66 13.33
C LEU B 120 1.82 -17.92 14.24
N ARG B 121 1.70 -19.14 14.76
CA ARG B 121 0.60 -19.49 15.64
C ARG B 121 0.51 -18.54 16.85
N GLN B 122 1.65 -18.28 17.47
CA GLN B 122 1.70 -17.32 18.57
C GLN B 122 1.02 -16.02 18.17
N ARG B 123 1.43 -15.47 17.05
CA ARG B 123 0.88 -14.19 16.65
C ARG B 123 -0.61 -14.24 16.41
N PHE B 124 -1.09 -15.29 15.77
CA PHE B 124 -2.50 -15.41 15.50
C PHE B 124 -3.27 -15.49 16.78
N LYS B 125 -2.82 -16.38 17.66
CA LYS B 125 -3.49 -16.53 18.95
C LYS B 125 -3.53 -15.18 19.66
N LYS B 126 -2.40 -14.50 19.68
CA LYS B 126 -2.30 -13.25 20.42
C LYS B 126 -3.26 -12.19 19.93
N LEU B 127 -3.56 -12.21 18.64
CA LEU B 127 -4.51 -11.27 18.09
C LEU B 127 -5.93 -11.59 18.53
N SER B 128 -6.34 -12.84 18.37
CA SER B 128 -7.70 -13.18 18.73
C SER B 128 -7.96 -12.85 20.18
N GLN B 129 -6.91 -12.99 20.98
CA GLN B 129 -6.97 -12.67 22.40
C GLN B 129 -7.26 -11.20 22.63
N LYS B 130 -6.55 -10.31 21.93
CA LYS B 130 -6.75 -8.87 22.10
C LYS B 130 -8.15 -8.49 21.69
N ILE B 131 -8.57 -9.04 20.56
CA ILE B 131 -9.88 -8.73 20.03
C ILE B 131 -10.93 -9.10 21.02
N ASP B 132 -10.77 -10.24 21.67
CA ASP B 132 -11.74 -10.63 22.68
C ASP B 132 -11.70 -9.67 23.87
N SER B 133 -10.49 -9.29 24.31
CA SER B 133 -10.38 -8.32 25.40
C SER B 133 -11.14 -7.07 25.04
N SER B 134 -10.87 -6.56 23.86
CA SER B 134 -11.53 -5.35 23.45
C SER B 134 -13.03 -5.55 23.49
N LEU B 135 -13.55 -6.61 22.88
CA LEU B 135 -15.00 -6.89 22.93
C LEU B 135 -15.61 -6.94 24.34
N LYS B 136 -14.87 -7.43 25.33
CA LYS B 136 -15.32 -7.38 26.71
C LYS B 136 -15.30 -5.95 27.25
N GLN B 137 -14.15 -5.28 27.08
CA GLN B 137 -14.02 -3.87 27.47
C GLN B 137 -15.22 -3.04 26.99
N ILE B 138 -15.59 -3.23 25.73
CA ILE B 138 -16.68 -2.49 25.11
C ILE B 138 -18.01 -2.92 25.69
N GLU B 139 -18.18 -4.24 25.85
CA GLU B 139 -19.39 -4.77 26.46
C GLU B 139 -19.69 -4.03 27.76
N THR B 140 -18.72 -4.02 28.67
CA THR B 140 -18.91 -3.46 30.01
C THR B 140 -19.08 -1.93 29.97
N GLU B 141 -18.44 -1.26 29.01
CA GLU B 141 -18.54 0.21 28.87
C GLU B 141 -19.93 0.82 28.59
N ALA B 142 -20.94 0.01 28.27
CA ALA B 142 -22.33 0.50 28.15
C ALA B 142 -23.14 0.10 29.38
N HIS C 5 27.44 -17.72 0.47
CA HIS C 5 28.23 -18.39 -0.61
C HIS C 5 27.51 -19.63 -1.15
N ASN C 6 26.21 -19.80 -0.88
CA ASN C 6 25.50 -21.04 -1.19
C ASN C 6 24.66 -20.98 -2.47
N PHE C 7 24.20 -19.77 -2.82
CA PHE C 7 23.25 -19.56 -3.94
C PHE C 7 23.89 -18.92 -5.20
N SER C 8 23.17 -18.96 -6.32
CA SER C 8 23.63 -18.30 -7.55
C SER C 8 23.64 -16.78 -7.37
N LYS C 9 24.73 -16.13 -7.79
CA LYS C 9 24.88 -14.68 -7.59
C LYS C 9 23.75 -13.84 -8.16
N GLU C 10 23.17 -14.28 -9.28
CA GLU C 10 22.01 -13.58 -9.82
C GLU C 10 20.71 -13.99 -9.12
N THR C 11 20.62 -15.20 -8.58
CA THR C 11 19.45 -15.52 -7.76
C THR C 11 19.39 -14.57 -6.57
N LEU C 12 20.55 -14.29 -5.97
CA LEU C 12 20.64 -13.35 -4.85
C LEU C 12 20.20 -11.95 -5.25
N GLN C 13 20.63 -11.51 -6.42
CA GLN C 13 20.12 -10.28 -6.99
C GLN C 13 18.59 -10.25 -7.02
N LYS C 14 17.99 -11.28 -7.61
CA LYS C 14 16.54 -11.36 -7.65
C LYS C 14 15.91 -11.34 -6.25
N GLN C 15 16.49 -12.09 -5.32
CA GLN C 15 16.03 -12.06 -3.93
C GLN C 15 16.17 -10.67 -3.31
N ALA C 16 17.37 -10.11 -3.38
CA ALA C 16 17.59 -8.75 -2.86
C ALA C 16 16.53 -7.79 -3.34
N LYS C 17 16.24 -7.82 -4.62
CA LYS C 17 15.18 -7.02 -5.16
C LYS C 17 13.87 -7.28 -4.44
N ARG C 18 13.47 -8.53 -4.34
CA ARG C 18 12.21 -8.84 -3.71
C ARG C 18 12.23 -8.32 -2.31
N GLY C 19 13.31 -8.60 -1.62
CA GLY C 19 13.46 -8.11 -0.28
C GLY C 19 13.17 -6.62 -0.16
N PHE C 20 13.74 -5.85 -1.08
CA PHE C 20 13.60 -4.43 -1.00
C PHE C 20 12.18 -3.98 -1.29
N LEU C 21 11.52 -4.62 -2.22
CA LEU C 21 10.15 -4.26 -2.49
C LEU C 21 9.26 -4.44 -1.27
N LEU C 22 9.63 -5.37 -0.39
CA LEU C 22 8.92 -5.50 0.85
C LEU C 22 9.10 -4.23 1.62
N LEU C 23 10.34 -3.83 1.83
CA LEU C 23 10.58 -2.64 2.61
C LEU C 23 9.80 -1.47 2.07
N GLU C 24 9.82 -1.26 0.77
CA GLU C 24 9.18 -0.07 0.23
C GLU C 24 7.68 -0.23 0.28
N ARG C 25 7.18 -1.29 -0.33
CA ARG C 25 5.76 -1.39 -0.58
C ARG C 25 4.98 -1.89 0.61
N CYS C 26 5.66 -2.48 1.58
CA CYS C 26 4.93 -3.06 2.69
C CYS C 26 5.43 -2.50 4.01
N SER C 27 6.72 -2.63 4.28
CA SER C 27 7.26 -2.19 5.54
C SER C 27 7.02 -0.70 5.79
N LEU C 28 7.35 0.12 4.81
CA LEU C 28 7.30 1.57 4.95
C LEU C 28 5.91 2.03 4.96
N VAL C 29 5.09 1.41 4.15
CA VAL C 29 3.67 1.79 4.10
C VAL C 29 2.96 1.53 5.45
N GLY C 30 3.30 0.42 6.10
CA GLY C 30 2.79 0.16 7.42
C GLY C 30 3.26 1.22 8.40
N LEU C 31 4.54 1.52 8.32
CA LEU C 31 5.13 2.49 9.22
C LEU C 31 4.46 3.84 9.07
N GLN C 32 4.15 4.25 7.85
CA GLN C 32 3.49 5.53 7.68
C GLN C 32 2.15 5.54 8.38
N GLN C 33 1.48 4.40 8.38
CA GLN C 33 0.18 4.33 9.02
C GLN C 33 0.34 4.51 10.48
N LEU C 34 1.27 3.76 11.03
CA LEU C 34 1.46 3.69 12.46
C LEU C 34 1.80 5.03 13.05
N GLU C 35 2.70 5.74 12.42
CA GLU C 35 2.98 7.11 12.80
C GLU C 35 1.70 7.94 12.91
N LEU C 36 0.85 7.83 11.90
CA LEU C 36 -0.41 8.54 11.91
C LEU C 36 -1.36 8.02 12.96
N GLU C 37 -1.33 6.73 13.23
CA GLU C 37 -2.22 6.19 14.22
C GLU C 37 -1.85 6.73 15.60
N TYR C 38 -0.56 6.84 15.89
CA TYR C 38 -0.09 7.44 17.13
C TYR C 38 -0.65 8.85 17.31
N VAL C 39 -0.39 9.72 16.35
CA VAL C 39 -0.90 11.06 16.43
C VAL C 39 -2.39 11.06 16.70
N ASN C 40 -3.10 10.15 16.05
CA ASN C 40 -4.54 10.06 16.18
C ASN C 40 -4.92 9.82 17.62
N LEU C 41 -4.23 8.89 18.27
CA LEU C 41 -4.50 8.63 19.67
C LEU C 41 -4.32 9.87 20.52
N LEU C 42 -3.23 10.58 20.32
CA LEU C 42 -3.00 11.77 21.13
C LEU C 42 -4.14 12.74 20.98
N GLY C 43 -4.58 12.97 19.75
CA GLY C 43 -5.73 13.83 19.49
C GLY C 43 -7.01 13.52 20.25
N ARG C 44 -7.24 12.27 20.61
CA ARG C 44 -8.47 11.90 21.28
C ARG C 44 -8.41 12.34 22.75
N SER C 45 -9.13 13.43 23.05
CA SER C 45 -9.01 14.30 24.28
C SER C 45 -8.45 13.72 25.63
N PHE C 46 -9.23 13.03 26.47
CA PHE C 46 -8.64 12.37 27.65
C PHE C 46 -9.15 10.98 28.00
N ASP C 47 -10.44 10.69 27.73
CA ASP C 47 -10.99 9.31 27.69
C ASP C 47 -11.26 8.73 29.07
N SER C 48 -10.18 8.24 29.65
CA SER C 48 -10.07 8.14 31.08
C SER C 48 -8.56 8.26 31.22
N TYR C 49 -7.91 7.12 31.40
CA TYR C 49 -6.45 7.04 31.31
C TYR C 49 -6.09 5.58 31.13
N GLN C 50 -6.55 4.74 32.06
CA GLN C 50 -6.56 3.30 31.91
C GLN C 50 -6.90 2.93 30.47
N GLN C 51 -7.87 3.63 29.87
CA GLN C 51 -8.27 3.38 28.49
C GLN C 51 -7.28 3.95 27.46
N LYS C 52 -6.77 5.14 27.73
CA LYS C 52 -5.80 5.78 26.84
C LYS C 52 -4.50 4.98 26.81
N THR C 53 -3.95 4.72 27.99
CA THR C 53 -2.73 3.95 28.14
C THR C 53 -2.84 2.63 27.38
N GLU C 54 -3.92 1.90 27.66
CA GLU C 54 -4.15 0.61 27.02
C GLU C 54 -3.97 0.67 25.51
N LEU C 55 -4.52 1.71 24.90
CA LEU C 55 -4.46 1.83 23.44
C LEU C 55 -3.06 2.09 22.94
N LEU C 56 -2.25 2.77 23.75
CA LEU C 56 -0.85 2.97 23.39
C LEU C 56 -0.08 1.69 23.52
N ASN C 57 -0.10 1.09 24.69
CA ASN C 57 0.51 -0.22 24.82
C ASN C 57 0.16 -1.07 23.62
N ASN C 58 -1.12 -1.05 23.27
CA ASN C 58 -1.58 -1.82 22.16
C ASN C 58 -0.82 -1.42 20.93
N LEU C 59 -0.83 -0.13 20.64
CA LEU C 59 -0.05 0.38 19.54
C LEU C 59 1.41 -0.02 19.65
N LYS C 60 2.03 0.29 20.77
CA LYS C 60 3.44 -0.04 21.04
C LYS C 60 3.74 -1.47 20.66
N GLU C 61 2.92 -2.40 21.12
CA GLU C 61 3.10 -3.82 20.79
C GLU C 61 3.13 -4.07 19.29
N LEU C 62 2.18 -3.52 18.57
CA LEU C 62 2.20 -3.67 17.14
C LEU C 62 3.46 -3.07 16.52
N VAL C 63 3.83 -1.86 16.91
CA VAL C 63 5.01 -1.23 16.35
C VAL C 63 6.23 -2.09 16.60
N ASP C 64 6.37 -2.59 17.83
CA ASP C 64 7.53 -3.42 18.13
C ASP C 64 7.49 -4.67 17.27
N GLU C 65 6.33 -5.25 17.11
CA GLU C 65 6.20 -6.42 16.28
C GLU C 65 6.61 -6.13 14.84
N HIS C 66 6.11 -5.03 14.30
CA HIS C 66 6.34 -4.69 12.90
C HIS C 66 7.77 -4.23 12.67
N PHE C 67 8.33 -3.50 13.63
CA PHE C 67 9.74 -3.15 13.62
C PHE C 67 10.57 -4.39 13.56
N SER C 68 10.19 -5.39 14.35
CA SER C 68 10.91 -6.65 14.41
C SER C 68 10.89 -7.33 13.05
N ASP C 69 9.72 -7.34 12.41
CA ASP C 69 9.59 -7.98 11.11
C ASP C 69 10.42 -7.24 10.11
N THR C 70 10.41 -5.93 10.24
CA THR C 70 11.22 -5.11 9.37
C THR C 70 12.68 -5.41 9.56
N GLU C 71 13.13 -5.41 10.80
CA GLU C 71 14.52 -5.75 11.07
C GLU C 71 14.91 -7.08 10.44
N LYS C 72 14.04 -8.08 10.53
CA LYS C 72 14.34 -9.40 9.99
C LYS C 72 14.60 -9.33 8.55
N ILE C 73 13.76 -8.60 7.84
CA ILE C 73 14.00 -8.36 6.43
C ILE C 73 15.36 -7.71 6.16
N ILE C 74 15.57 -6.52 6.72
CA ILE C 74 16.84 -5.87 6.64
C ILE C 74 17.97 -6.84 6.88
N ASN C 75 17.87 -7.56 8.00
CA ASN C 75 18.92 -8.48 8.34
C ASN C 75 19.24 -9.44 7.19
N THR C 76 18.21 -10.03 6.60
CA THR C 76 18.39 -10.96 5.50
C THR C 76 18.97 -10.19 4.32
N LEU C 77 18.53 -8.97 4.13
CA LEU C 77 19.12 -8.13 3.09
C LEU C 77 20.59 -7.82 3.32
N GLU C 78 21.00 -7.58 4.54
CA GLU C 78 22.40 -7.30 4.79
C GLU C 78 23.20 -8.55 4.47
N LYS C 79 22.81 -9.66 5.05
CA LYS C 79 23.42 -10.95 4.75
C LYS C 79 23.60 -11.19 3.23
N ILE C 80 22.61 -10.85 2.43
CA ILE C 80 22.78 -10.95 0.99
C ILE C 80 23.93 -10.06 0.51
N PHE C 81 23.98 -8.84 1.01
CA PHE C 81 25.03 -7.92 0.57
C PHE C 81 26.41 -8.38 0.98
N ASP C 82 26.51 -9.15 2.08
CA ASP C 82 27.77 -9.84 2.44
C ASP C 82 28.42 -10.53 1.25
N VAL C 83 27.61 -10.99 0.30
CA VAL C 83 28.11 -11.61 -0.93
C VAL C 83 28.13 -10.56 -2.06
N ILE C 84 26.99 -9.98 -2.43
CA ILE C 84 26.96 -9.11 -3.61
C ILE C 84 27.19 -7.61 -3.38
N GLY C 85 27.57 -7.25 -2.16
CA GLY C 85 27.96 -5.86 -1.85
C GLY C 85 29.30 -5.56 -2.49
N GLY C 86 29.45 -4.35 -3.04
CA GLY C 86 30.63 -4.02 -3.80
C GLY C 86 30.72 -4.76 -5.13
N SER C 87 29.61 -5.29 -5.63
CA SER C 87 29.61 -6.05 -6.87
C SER C 87 28.67 -5.44 -7.91
N GLU C 88 28.70 -6.01 -9.12
CA GLU C 88 27.79 -5.62 -10.18
C GLU C 88 26.38 -6.09 -9.95
N TYR C 89 26.23 -7.13 -9.15
CA TYR C 89 24.95 -7.82 -9.03
C TYR C 89 23.97 -7.11 -8.11
N THR C 90 24.37 -5.96 -7.57
CA THR C 90 23.43 -5.12 -6.76
C THR C 90 22.17 -4.81 -7.58
N PRO C 91 21.00 -5.10 -7.04
CA PRO C 91 19.82 -5.13 -7.89
C PRO C 91 19.44 -3.76 -8.35
N VAL C 92 18.63 -3.69 -9.40
CA VAL C 92 18.14 -2.42 -9.89
C VAL C 92 16.65 -2.31 -9.59
N LEU C 93 16.25 -1.17 -9.02
CA LEU C 93 14.87 -0.95 -8.55
C LEU C 93 14.40 0.42 -8.90
N ASN C 94 13.39 0.49 -9.78
CA ASN C 94 12.68 1.73 -10.01
C ASN C 94 11.77 1.94 -8.84
N SER C 95 12.32 2.61 -7.85
CA SER C 95 11.61 3.11 -6.74
C SER C 95 11.22 4.50 -7.20
N PHE C 96 10.14 5.01 -6.67
CA PHE C 96 9.72 6.35 -7.02
C PHE C 96 10.36 7.29 -6.03
N PHE C 97 11.01 6.77 -4.98
CA PHE C 97 11.33 7.58 -3.82
C PHE C 97 12.82 7.77 -3.59
N ASN C 98 13.58 6.70 -3.61
CA ASN C 98 15.00 6.93 -3.58
C ASN C 98 15.39 6.79 -5.03
N LYS C 99 16.02 7.83 -5.57
CA LYS C 99 16.40 7.86 -6.99
C LYS C 99 17.60 6.95 -7.31
N LEU C 100 18.43 6.67 -6.31
CA LEU C 100 19.67 5.94 -6.54
C LEU C 100 19.49 4.48 -6.88
N LEU C 101 18.36 3.90 -6.54
CA LEU C 101 18.21 2.47 -6.71
C LEU C 101 18.07 2.11 -8.16
N SER C 102 17.74 3.09 -9.00
CA SER C 102 17.71 2.87 -10.42
C SER C 102 19.04 3.29 -11.10
N ASP C 103 20.01 3.76 -10.34
CA ASP C 103 21.21 4.35 -10.94
C ASP C 103 21.95 3.28 -11.71
N PRO C 104 22.52 3.62 -12.88
CA PRO C 104 23.35 2.66 -13.64
C PRO C 104 24.58 2.14 -12.89
N ASP C 105 25.24 2.99 -12.12
CA ASP C 105 26.37 2.59 -11.29
C ASP C 105 25.90 1.76 -10.10
N PRO C 106 26.44 0.55 -9.95
CA PRO C 106 26.03 -0.31 -8.84
C PRO C 106 26.47 0.17 -7.46
N GLN C 108 26.35 3.26 -6.45
CA GLN C 108 25.26 4.13 -6.06
C GLN C 108 24.04 3.35 -5.60
N ARG C 109 23.69 2.30 -6.32
CA ARG C 109 22.52 1.54 -5.94
C ARG C 109 22.71 0.94 -4.58
N GLU C 110 23.95 0.62 -4.22
CA GLU C 110 24.24 0.08 -2.89
C GLU C 110 24.00 1.17 -1.89
N ILE C 111 24.58 2.34 -2.15
CA ILE C 111 24.43 3.46 -1.25
C ILE C 111 22.98 3.72 -1.05
N GLY C 112 22.27 3.93 -2.13
CA GLY C 112 20.84 4.12 -2.05
C GLY C 112 20.16 3.17 -1.07
N LEU C 113 20.40 1.88 -1.23
CA LEU C 113 19.75 0.91 -0.40
C LEU C 113 20.11 1.10 1.08
N ARG C 114 21.40 1.24 1.36
CA ARG C 114 21.82 1.47 2.74
C ARG C 114 21.10 2.69 3.32
N GLN C 115 21.01 3.77 2.55
CA GLN C 115 20.33 4.95 3.02
C GLN C 115 18.91 4.63 3.42
N PHE C 116 18.19 4.00 2.52
CA PHE C 116 16.81 3.64 2.76
C PHE C 116 16.66 2.87 4.06
N ILE C 117 17.48 1.88 4.26
CA ILE C 117 17.45 1.17 5.51
C ILE C 117 17.63 2.11 6.70
N ILE C 118 18.74 2.83 6.76
CA ILE C 118 19.00 3.78 7.84
C ILE C 118 17.75 4.59 8.10
N THR C 119 17.34 5.35 7.10
CA THR C 119 16.15 6.15 7.22
C THR C 119 15.02 5.42 7.89
N LEU C 120 14.80 4.20 7.46
CA LEU C 120 13.66 3.44 7.93
C LEU C 120 13.81 3.14 9.39
N ARG C 121 14.98 2.65 9.77
CA ARG C 121 15.28 2.47 11.18
C ARG C 121 15.08 3.74 12.00
N GLN C 122 15.65 4.87 11.56
CA GLN C 122 15.49 6.13 12.25
C GLN C 122 14.03 6.29 12.56
N ARG C 123 13.19 6.22 11.54
CA ARG C 123 11.79 6.49 11.73
C ARG C 123 11.11 5.54 12.70
N PHE C 124 11.42 4.27 12.62
CA PHE C 124 10.85 3.33 13.55
C PHE C 124 11.30 3.62 14.97
N LYS C 125 12.60 3.77 15.16
CA LYS C 125 13.12 4.03 16.48
C LYS C 125 12.42 5.27 17.02
N LYS C 126 12.35 6.30 16.21
CA LYS C 126 11.86 7.58 16.65
C LYS C 126 10.43 7.47 17.13
N LEU C 127 9.66 6.57 16.53
CA LEU C 127 8.27 6.36 16.89
C LEU C 127 8.18 5.67 18.25
N SER C 128 8.90 4.57 18.42
CA SER C 128 8.82 3.88 19.68
C SER C 128 9.20 4.81 20.80
N GLN C 129 10.14 5.71 20.52
CA GLN C 129 10.60 6.65 21.49
C GLN C 129 9.50 7.58 21.91
N LYS C 130 8.76 8.11 20.95
CA LYS C 130 7.66 9.03 21.26
C LYS C 130 6.59 8.35 22.06
N ILE C 131 6.24 7.15 21.64
CA ILE C 131 5.24 6.37 22.32
C ILE C 131 5.61 6.15 23.77
N ASP C 132 6.88 5.85 24.01
CA ASP C 132 7.32 5.68 25.37
C ASP C 132 7.21 7.00 26.12
N SER C 133 7.63 8.09 25.50
CA SER C 133 7.53 9.39 26.15
C SER C 133 6.11 9.56 26.59
N SER C 134 5.20 9.37 25.65
CA SER C 134 3.80 9.64 25.94
C SER C 134 3.36 8.78 27.10
N LEU C 135 3.63 7.49 27.04
CA LEU C 135 3.31 6.62 28.18
C LEU C 135 3.88 7.07 29.55
N LYS C 136 5.06 7.68 29.59
CA LYS C 136 5.59 8.23 30.84
C LYS C 136 4.84 9.48 31.23
N GLN C 137 4.71 10.41 30.30
CA GLN C 137 3.91 11.61 30.52
C GLN C 137 2.56 11.28 31.15
N ILE C 138 1.88 10.28 30.60
CA ILE C 138 0.56 9.87 31.08
C ILE C 138 0.67 9.23 32.44
N GLU C 139 1.67 8.37 32.61
CA GLU C 139 1.90 7.72 33.88
C GLU C 139 1.95 8.73 35.00
N THR C 140 2.82 9.73 34.85
CA THR C 140 3.06 10.74 35.89
C THR C 140 1.84 11.64 36.12
N GLU C 141 1.08 11.89 35.05
CA GLU C 141 -0.16 12.67 35.11
C GLU C 141 -1.30 11.99 35.90
N ALA C 142 -1.15 10.70 36.23
CA ALA C 142 -2.22 9.90 36.83
C ALA C 142 -1.85 9.35 38.22
N ALA D 1 14.73 13.53 -31.62
CA ALA D 1 13.56 12.63 -31.81
C ALA D 1 13.45 12.14 -33.26
N SER D 2 12.40 11.38 -33.54
CA SER D 2 12.25 10.73 -34.83
C SER D 2 10.80 10.86 -35.33
N SER D 3 10.33 9.82 -36.00
CA SER D 3 8.98 9.78 -36.56
C SER D 3 8.71 8.32 -36.97
N PHE D 4 7.46 7.98 -37.21
CA PHE D 4 7.06 6.57 -37.30
C PHE D 4 6.39 6.11 -38.60
N HIS D 5 5.95 7.05 -39.43
CA HIS D 5 5.13 6.75 -40.63
C HIS D 5 5.41 5.42 -41.34
N ASN D 6 6.49 4.78 -40.93
CA ASN D 6 7.11 3.68 -41.64
C ASN D 6 6.89 2.31 -41.02
N PHE D 7 6.60 2.30 -39.72
CA PHE D 7 6.38 1.02 -39.04
C PHE D 7 5.06 0.53 -39.48
N SER D 8 4.79 -0.75 -39.23
CA SER D 8 3.52 -1.33 -39.60
C SER D 8 2.43 -0.67 -38.79
N LYS D 9 1.35 -0.28 -39.45
CA LYS D 9 0.28 0.46 -38.78
C LYS D 9 -0.32 -0.28 -37.59
N GLU D 10 -0.37 -1.60 -37.64
CA GLU D 10 -0.83 -2.33 -36.45
C GLU D 10 0.26 -2.55 -35.42
N THR D 11 1.52 -2.60 -35.81
CA THR D 11 2.58 -2.57 -34.80
C THR D 11 2.43 -1.30 -33.92
N LEU D 12 2.17 -0.16 -34.56
CA LEU D 12 2.01 1.10 -33.86
C LEU D 12 0.85 1.01 -32.91
N GLN D 13 -0.24 0.41 -33.36
CA GLN D 13 -1.37 0.17 -32.50
C GLN D 13 -0.93 -0.55 -31.24
N LYS D 14 -0.23 -1.66 -31.43
CA LYS D 14 0.24 -2.42 -30.28
C LYS D 14 1.12 -1.56 -29.38
N GLN D 15 2.03 -0.80 -29.98
CA GLN D 15 2.90 0.09 -29.21
C GLN D 15 2.09 1.16 -28.46
N ALA D 16 1.24 1.87 -29.17
CA ALA D 16 0.36 2.86 -28.54
C ALA D 16 -0.32 2.32 -27.30
N LYS D 17 -0.90 1.13 -27.42
CA LYS D 17 -1.50 0.46 -26.30
C LYS D 17 -0.51 0.30 -25.17
N ARG D 18 0.65 -0.25 -25.46
CA ARG D 18 1.61 -0.46 -24.41
C ARG D 18 1.96 0.86 -23.79
N GLY D 19 2.23 1.84 -24.64
CA GLY D 19 2.50 3.20 -24.15
C GLY D 19 1.47 3.71 -23.16
N PHE D 20 0.22 3.54 -23.48
CA PHE D 20 -0.82 3.99 -22.63
C PHE D 20 -0.88 3.22 -21.32
N LEU D 21 -0.66 1.92 -21.34
CA LEU D 21 -0.69 1.17 -20.10
C LEU D 21 0.38 1.65 -19.16
N LEU D 22 1.47 2.18 -19.70
CA LEU D 22 2.44 2.82 -18.85
C LEU D 22 1.81 3.98 -18.12
N LEU D 23 1.24 4.91 -18.87
CA LEU D 23 0.62 6.04 -18.26
C LEU D 23 -0.34 5.65 -17.17
N GLU D 24 -1.21 4.70 -17.43
CA GLU D 24 -2.23 4.35 -16.45
C GLU D 24 -1.62 3.59 -15.30
N ARG D 25 -0.92 2.51 -15.60
CA ARG D 25 -0.53 1.60 -14.57
C ARG D 25 0.76 2.01 -13.89
N CYS D 26 1.53 2.90 -14.48
CA CYS D 26 2.81 3.25 -13.89
C CYS D 26 2.92 4.74 -13.65
N SER D 27 2.77 5.53 -14.70
CA SER D 27 2.89 6.97 -14.56
C SER D 27 1.90 7.61 -13.56
N LEU D 28 0.64 7.27 -13.68
CA LEU D 28 -0.40 7.80 -12.85
C LEU D 28 -0.29 7.28 -11.45
N VAL D 29 0.05 6.01 -11.32
CA VAL D 29 0.14 5.42 -10.03
C VAL D 29 1.24 6.09 -9.26
N GLY D 30 2.34 6.42 -9.92
CA GLY D 30 3.45 7.12 -9.28
C GLY D 30 2.99 8.46 -8.82
N LEU D 31 2.28 9.14 -9.70
CA LEU D 31 1.77 10.43 -9.38
C LEU D 31 0.84 10.42 -8.19
N GLN D 32 -0.03 9.44 -8.09
CA GLN D 32 -0.92 9.39 -6.96
C GLN D 32 -0.14 9.25 -5.68
N GLN D 33 0.96 8.51 -5.74
CA GLN D 33 1.76 8.23 -4.58
C GLN D 33 2.40 9.52 -4.14
N LEU D 34 2.96 10.23 -5.11
CA LEU D 34 3.66 11.49 -4.83
C LEU D 34 2.79 12.57 -4.22
N GLU D 35 1.61 12.77 -4.77
CA GLU D 35 0.62 13.65 -4.18
C GLU D 35 0.41 13.32 -2.70
N LEU D 36 0.24 12.06 -2.39
CA LEU D 36 0.10 11.62 -1.03
C LEU D 36 1.34 11.80 -0.21
N GLU D 37 2.49 11.63 -0.82
CA GLU D 37 3.71 11.82 -0.07
C GLU D 37 3.88 13.29 0.35
N TYR D 38 3.54 14.20 -0.54
CA TYR D 38 3.59 15.62 -0.23
C TYR D 38 2.74 15.92 0.98
N VAL D 39 1.47 15.57 0.92
CA VAL D 39 0.60 15.81 2.04
C VAL D 39 1.18 15.23 3.33
N ASN D 40 1.78 14.07 3.22
CA ASN D 40 2.37 13.43 4.37
C ASN D 40 3.46 14.28 4.99
N LEU D 41 4.35 14.84 4.17
CA LEU D 41 5.40 15.72 4.66
C LEU D 41 4.83 16.90 5.40
N LEU D 42 3.85 17.56 4.81
CA LEU D 42 3.24 18.70 5.50
C LEU D 42 2.76 18.30 6.90
N GLY D 43 2.04 17.19 6.97
CA GLY D 43 1.57 16.69 8.26
C GLY D 43 2.61 16.48 9.34
N ARG D 44 3.86 16.21 8.98
CA ARG D 44 4.88 15.95 10.00
C ARG D 44 5.37 17.22 10.69
N SER D 45 5.04 17.35 11.98
CA SER D 45 5.58 18.41 12.85
C SER D 45 7.05 18.15 13.04
N PHE D 46 7.33 16.95 13.56
CA PHE D 46 8.62 16.67 14.14
C PHE D 46 9.65 16.63 13.06
N ASP D 47 10.87 17.11 13.37
CA ASP D 47 12.07 17.22 12.50
C ASP D 47 12.89 18.51 12.88
N SER D 48 12.96 19.47 11.94
CA SER D 48 13.44 20.82 12.20
C SER D 48 12.92 21.69 11.02
N TYR D 49 13.83 22.24 10.21
CA TYR D 49 13.45 23.08 9.07
C TYR D 49 14.39 22.76 7.97
N GLN D 50 15.67 22.98 8.22
CA GLN D 50 16.74 22.44 7.38
C GLN D 50 16.39 21.01 6.95
N GLN D 51 15.83 20.23 7.87
CA GLN D 51 15.43 18.85 7.58
C GLN D 51 14.13 18.78 6.79
N LYS D 52 13.16 19.62 7.13
CA LYS D 52 11.89 19.67 6.40
C LYS D 52 12.11 20.09 4.94
N THR D 53 12.77 21.23 4.76
CA THR D 53 13.07 21.77 3.43
C THR D 53 13.75 20.71 2.57
N GLU D 54 14.81 20.12 3.11
CA GLU D 54 15.53 19.08 2.42
C GLU D 54 14.61 18.01 1.84
N LEU D 55 13.66 17.54 2.64
CA LEU D 55 12.78 16.47 2.19
C LEU D 55 11.86 16.90 1.09
N LEU D 56 11.50 18.19 1.05
CA LEU D 56 10.72 18.70 -0.06
C LEU D 56 11.56 18.78 -1.29
N ASN D 57 12.67 19.48 -1.25
CA ASN D 57 13.55 19.50 -2.39
C ASN D 57 13.69 18.11 -2.92
N ASN D 58 13.89 17.19 -2.01
CA ASN D 58 14.05 15.83 -2.42
C ASN D 58 12.82 15.44 -3.19
N LEU D 59 11.66 15.64 -2.59
CA LEU D 59 10.42 15.29 -3.23
C LEU D 59 10.31 15.97 -4.56
N LYS D 60 10.48 17.28 -4.55
CA LYS D 60 10.46 18.07 -5.76
C LYS D 60 11.28 17.43 -6.87
N GLU D 61 12.51 17.06 -6.56
CA GLU D 61 13.38 16.42 -7.54
C GLU D 61 12.75 15.16 -8.12
N LEU D 62 12.21 14.34 -7.25
CA LEU D 62 11.52 13.13 -7.69
C LEU D 62 10.36 13.44 -8.60
N VAL D 63 9.54 14.39 -8.20
CA VAL D 63 8.41 14.77 -9.03
C VAL D 63 8.86 15.30 -10.39
N ASP D 64 9.86 16.15 -10.41
CA ASP D 64 10.33 16.65 -11.68
C ASP D 64 10.88 15.49 -12.50
N GLU D 65 11.59 14.58 -11.87
CA GLU D 65 12.13 13.41 -12.57
C GLU D 65 10.99 12.60 -13.19
N HIS D 66 9.95 12.36 -12.41
CA HIS D 66 8.86 11.53 -12.88
C HIS D 66 8.05 12.18 -13.92
N PHE D 67 7.79 13.45 -13.70
CA PHE D 67 7.10 14.26 -14.68
C PHE D 67 7.84 14.15 -16.00
N SER D 68 9.17 14.23 -15.95
CA SER D 68 9.99 14.16 -17.15
C SER D 68 9.83 12.83 -17.88
N ASP D 69 9.83 11.75 -17.11
CA ASP D 69 9.65 10.42 -17.68
C ASP D 69 8.28 10.26 -18.27
N THR D 70 7.30 10.82 -17.59
CA THR D 70 5.97 10.85 -18.11
C THR D 70 5.90 11.62 -19.41
N GLU D 71 6.43 12.82 -19.44
CA GLU D 71 6.41 13.59 -20.66
C GLU D 71 7.00 12.82 -21.82
N LYS D 72 8.10 12.10 -21.57
CA LYS D 72 8.77 11.34 -22.62
C LYS D 72 7.84 10.32 -23.24
N ILE D 73 7.12 9.61 -22.39
CA ILE D 73 6.11 8.68 -22.89
C ILE D 73 5.04 9.35 -23.72
N ILE D 74 4.36 10.31 -23.13
CA ILE D 74 3.42 11.12 -23.88
C ILE D 74 3.99 11.50 -25.24
N ASN D 75 5.18 12.06 -25.21
CA ASN D 75 5.75 12.55 -26.43
C ASN D 75 5.75 11.45 -27.48
N THR D 76 6.17 10.27 -27.08
CA THR D 76 6.21 9.16 -28.01
C THR D 76 4.82 8.82 -28.46
N LEU D 77 3.90 8.87 -27.53
CA LEU D 77 2.52 8.59 -27.87
C LEU D 77 1.94 9.58 -28.83
N GLU D 78 2.29 10.85 -28.71
CA GLU D 78 1.76 11.83 -29.66
C GLU D 78 2.32 11.52 -31.02
N LYS D 79 3.64 11.41 -31.12
CA LYS D 79 4.30 10.99 -32.36
C LYS D 79 3.62 9.79 -33.04
N ILE D 80 3.25 8.78 -32.28
CA ILE D 80 2.51 7.66 -32.84
C ILE D 80 1.21 8.13 -33.44
N PHE D 81 0.48 8.97 -32.73
CA PHE D 81 -0.78 9.46 -33.26
C PHE D 81 -0.65 10.31 -34.52
N ASP D 82 0.48 11.00 -34.69
CA ASP D 82 0.78 11.67 -35.96
C ASP D 82 0.47 10.78 -37.16
N VAL D 83 0.59 9.47 -36.97
CA VAL D 83 0.26 8.51 -38.01
C VAL D 83 -1.14 7.97 -37.82
N ILE D 84 -1.41 7.29 -36.73
CA ILE D 84 -2.69 6.59 -36.60
C ILE D 84 -3.81 7.42 -35.96
N GLY D 85 -3.55 8.72 -35.75
CA GLY D 85 -4.60 9.63 -35.32
C GLY D 85 -5.60 9.84 -36.44
N GLY D 86 -6.88 9.92 -36.11
CA GLY D 86 -7.94 9.97 -37.10
C GLY D 86 -8.08 8.67 -37.90
N SER D 87 -7.58 7.55 -37.38
CA SER D 87 -7.63 6.29 -38.12
C SER D 87 -8.37 5.21 -37.33
N GLU D 88 -8.57 4.06 -37.96
CA GLU D 88 -9.19 2.90 -37.31
C GLU D 88 -8.22 2.22 -36.35
N TYR D 89 -6.92 2.44 -36.51
CA TYR D 89 -5.92 1.69 -35.75
C TYR D 89 -5.68 2.22 -34.33
N THR D 90 -6.40 3.28 -33.93
CA THR D 90 -6.34 3.78 -32.55
C THR D 90 -6.65 2.63 -31.58
N PRO D 91 -5.75 2.38 -30.64
CA PRO D 91 -5.83 1.13 -29.87
C PRO D 91 -7.04 1.08 -28.95
N VAL D 92 -7.42 -0.10 -28.51
CA VAL D 92 -8.55 -0.27 -27.62
C VAL D 92 -8.05 -0.73 -26.27
N LEU D 93 -8.52 -0.06 -25.22
CA LEU D 93 -7.99 -0.23 -23.87
C LEU D 93 -9.11 -0.21 -22.89
N ASN D 94 -9.30 -1.31 -22.21
CA ASN D 94 -10.04 -1.17 -21.00
C ASN D 94 -9.31 -0.22 -20.09
N SER D 95 -10.03 0.67 -19.42
CA SER D 95 -9.39 1.57 -18.46
C SER D 95 -10.26 2.04 -17.30
N PHE D 96 -9.61 2.19 -16.15
CA PHE D 96 -10.32 2.51 -14.97
C PHE D 96 -10.29 3.99 -14.72
N PHE D 97 -9.62 4.73 -15.58
CA PHE D 97 -9.56 6.14 -15.42
C PHE D 97 -10.38 6.89 -16.49
N ASN D 98 -10.62 6.26 -17.65
CA ASN D 98 -11.48 6.84 -18.70
C ASN D 98 -12.29 5.80 -19.46
N LYS D 99 -13.60 6.06 -19.62
CA LYS D 99 -14.51 5.10 -20.27
C LYS D 99 -14.35 5.03 -21.81
N LEU D 100 -13.84 6.11 -22.38
CA LEU D 100 -13.77 6.23 -23.82
C LEU D 100 -12.74 5.34 -24.51
N LEU D 101 -11.76 4.84 -23.77
CA LEU D 101 -10.67 4.12 -24.42
C LEU D 101 -11.13 2.77 -24.83
N SER D 102 -12.23 2.30 -24.27
CA SER D 102 -12.82 1.06 -24.72
C SER D 102 -13.92 1.28 -25.77
N ASP D 103 -14.17 2.52 -26.17
CA ASP D 103 -15.32 2.83 -27.02
C ASP D 103 -15.12 2.16 -28.37
N PRO D 104 -16.19 1.56 -28.95
CA PRO D 104 -16.08 1.02 -30.29
C PRO D 104 -15.64 2.03 -31.37
N ASP D 105 -16.10 3.26 -31.28
CA ASP D 105 -15.71 4.32 -32.22
C ASP D 105 -14.27 4.76 -31.94
N PRO D 106 -13.40 4.68 -32.94
CA PRO D 106 -12.02 5.09 -32.78
C PRO D 106 -11.80 6.57 -32.55
N GLN D 108 -13.61 8.41 -30.66
CA GLN D 108 -13.79 8.55 -29.22
C GLN D 108 -12.55 8.08 -28.50
N ARG D 109 -12.02 6.96 -28.91
CA ARG D 109 -10.87 6.44 -28.21
C ARG D 109 -9.73 7.44 -28.31
N GLU D 110 -9.65 8.17 -29.42
CA GLU D 110 -8.61 9.16 -29.57
C GLU D 110 -8.84 10.29 -28.61
N ILE D 111 -10.07 10.80 -28.59
CA ILE D 111 -10.45 11.84 -27.64
C ILE D 111 -10.10 11.41 -26.22
N GLY D 112 -10.61 10.26 -25.82
CA GLY D 112 -10.28 9.72 -24.51
C GLY D 112 -8.80 9.84 -24.15
N LEU D 113 -7.96 9.36 -25.04
CA LEU D 113 -6.55 9.39 -24.78
C LEU D 113 -6.03 10.81 -24.59
N ARG D 114 -6.38 11.70 -25.50
CA ARG D 114 -5.96 13.08 -25.35
C ARG D 114 -6.37 13.61 -23.99
N GLN D 115 -7.62 13.35 -23.60
CA GLN D 115 -8.10 13.82 -22.30
C GLN D 115 -7.23 13.34 -21.17
N PHE D 116 -6.96 12.05 -21.18
CA PHE D 116 -6.14 11.44 -20.14
C PHE D 116 -4.82 12.13 -20.00
N ILE D 117 -4.16 12.34 -21.12
CA ILE D 117 -2.92 13.08 -21.12
C ILE D 117 -3.11 14.42 -20.44
N ILE D 118 -4.02 15.24 -20.97
CA ILE D 118 -4.23 16.54 -20.40
C ILE D 118 -4.33 16.45 -18.88
N THR D 119 -5.34 15.74 -18.43
CA THR D 119 -5.57 15.53 -17.02
C THR D 119 -4.32 15.24 -16.25
N LEU D 120 -3.52 14.35 -16.81
CA LEU D 120 -2.33 13.95 -16.16
C LEU D 120 -1.43 15.16 -16.02
N ARG D 121 -1.20 15.88 -17.11
CA ARG D 121 -0.35 17.04 -17.06
C ARG D 121 -0.83 18.04 -16.01
N GLN D 122 -2.11 18.32 -16.02
CA GLN D 122 -2.72 19.22 -15.02
C GLN D 122 -2.25 18.82 -13.63
N ARG D 123 -2.44 17.55 -13.30
CA ARG D 123 -2.15 17.11 -11.98
C ARG D 123 -0.69 17.24 -11.64
N PHE D 124 0.17 16.91 -12.57
CA PHE D 124 1.60 17.04 -12.32
C PHE D 124 1.97 18.49 -12.10
N LYS D 125 1.55 19.36 -12.99
CA LYS D 125 1.85 20.76 -12.83
C LYS D 125 1.37 21.25 -11.49
N LYS D 126 0.16 20.89 -11.14
CA LYS D 126 -0.45 21.40 -9.91
C LYS D 126 0.32 21.00 -8.67
N LEU D 127 0.93 19.83 -8.70
CA LEU D 127 1.72 19.37 -7.58
C LEU D 127 3.01 20.18 -7.48
N SER D 128 3.73 20.33 -8.57
CA SER D 128 4.99 21.07 -8.49
C SER D 128 4.76 22.48 -7.99
N GLN D 129 3.60 23.02 -8.34
CA GLN D 129 3.20 24.35 -7.89
C GLN D 129 3.04 24.42 -6.39
N LYS D 130 2.34 23.44 -5.81
CA LYS D 130 2.13 23.42 -4.35
C LYS D 130 3.44 23.27 -3.62
N ILE D 131 4.26 22.36 -4.09
CA ILE D 131 5.54 22.13 -3.49
C ILE D 131 6.36 23.42 -3.46
N ASP D 132 6.32 24.17 -4.55
CA ASP D 132 7.06 25.44 -4.57
C ASP D 132 6.47 26.42 -3.59
N SER D 133 5.15 26.53 -3.54
CA SER D 133 4.51 27.38 -2.54
C SER D 133 5.03 27.02 -1.18
N SER D 134 4.94 25.73 -0.84
CA SER D 134 5.33 25.31 0.48
C SER D 134 6.75 25.71 0.72
N LEU D 135 7.66 25.40 -0.19
CA LEU D 135 9.06 25.83 -0.03
C LEU D 135 9.27 27.35 0.21
N LYS D 136 8.45 28.19 -0.40
CA LYS D 136 8.53 29.63 -0.13
C LYS D 136 7.99 29.94 1.26
N GLN D 137 6.80 29.42 1.56
CA GLN D 137 6.21 29.55 2.90
C GLN D 137 7.22 29.23 4.01
N ILE D 138 7.94 28.13 3.84
CA ILE D 138 8.93 27.69 4.82
C ILE D 138 10.12 28.62 4.82
N GLU D 139 10.58 29.00 3.64
CA GLU D 139 11.71 29.91 3.51
C GLU D 139 11.48 31.17 4.33
N THR D 140 10.33 31.82 4.12
CA THR D 140 9.99 33.09 4.81
C THR D 140 9.79 32.90 6.33
N GLU D 141 9.28 31.73 6.72
CA GLU D 141 9.08 31.39 8.13
C GLU D 141 10.39 31.25 8.93
N ALA D 142 11.55 31.27 8.26
CA ALA D 142 12.86 31.41 8.97
C ALA D 142 13.29 32.76 9.62
N LYS D 143 12.54 33.86 9.48
CA LYS D 143 13.15 35.23 9.58
C LYS D 143 12.99 36.12 10.86
N ALA D 144 13.49 37.36 10.77
CA ALA D 144 13.43 38.36 11.84
C ALA D 144 12.14 39.20 11.74
#